data_4C1Q
#
_entry.id   4C1Q
#
_cell.length_a   55.730
_cell.length_b   78.180
_cell.length_c   107.610
_cell.angle_alpha   90.00
_cell.angle_beta   90.00
_cell.angle_gamma   90.00
#
_symmetry.space_group_name_H-M   'P 21 21 21'
#
loop_
_entity.id
_entity.type
_entity.pdbx_description
1 polymer 'HISTONE-LYSINE N-METHYLTRANSFERASE PRDM9'
2 polymer 'HISTONE H3.1'
3 non-polymer S-ADENOSYL-L-HOMOCYSTEINE
4 non-polymer 'ZINC ION'
5 non-polymer GLYCEROL
6 water water
#
loop_
_entity_poly.entity_id
_entity_poly.type
_entity_poly.pdbx_seq_one_letter_code
_entity_poly.pdbx_strand_id
1 'polypeptide(L)'
;GAMSQDDDYLYCEKCQNFFIDSCPNHGPPLFVKDSMVDRGHPNHSVLSLPPGLRISPSGIPEAGLGVWNEASDLPVGLHF
GPYEGQITEDEEAANSGYSWLITKGRNCYEYVDGQDESQANWMRYVNCARDDEEQNLVAFQYHRKIFYRTCRVIRPGCEL
LVWYGDEYGQELGIK
;
A,B
2 'polypeptide(L)' ART(MLY)QTARKY C
#
# COMPACT_ATOMS: atom_id res chain seq x y z
N ALA A 2 25.78 11.12 23.00
CA ALA A 2 25.56 9.93 23.89
C ALA A 2 25.22 8.69 23.03
N MET A 3 25.83 7.55 23.36
CA MET A 3 25.57 6.29 22.66
C MET A 3 24.06 6.02 22.60
N SER A 4 23.37 6.34 23.70
CA SER A 4 21.91 6.27 23.78
C SER A 4 21.19 6.93 22.61
N GLN A 5 21.70 8.07 22.16
CA GLN A 5 20.99 8.91 21.19
C GLN A 5 21.61 8.90 19.79
N ASP A 6 22.45 7.90 19.51
CA ASP A 6 23.22 7.87 18.29
C ASP A 6 22.74 6.77 17.33
N ASP A 7 22.26 7.22 16.18
CA ASP A 7 21.88 6.43 15.00
C ASP A 7 22.72 5.21 14.58
N ASP A 8 24.03 5.27 14.82
CA ASP A 8 24.95 4.25 14.35
C ASP A 8 24.94 3.01 15.25
N TYR A 9 24.33 3.13 16.42
CA TYR A 9 24.40 2.10 17.44
C TYR A 9 23.13 1.27 17.55
N LEU A 10 23.30 -0.03 17.76
CA LEU A 10 22.19 -0.91 18.10
C LEU A 10 22.17 -1.10 19.61
N TYR A 11 21.10 -1.69 20.10
CA TYR A 11 20.89 -1.84 21.53
C TYR A 11 20.51 -3.28 21.79
N CYS A 12 21.13 -3.90 22.78
CA CYS A 12 20.76 -5.25 23.21
C CYS A 12 19.83 -5.22 24.43
N GLU A 13 18.59 -5.69 24.25
CA GLU A 13 17.56 -5.71 25.31
C GLU A 13 18.11 -6.37 26.57
N LYS A 14 18.60 -7.59 26.40
CA LYS A 14 19.04 -8.42 27.51
C LYS A 14 20.22 -7.82 28.32
N CYS A 15 21.21 -7.27 27.63
CA CYS A 15 22.40 -6.71 28.28
C CYS A 15 22.30 -5.26 28.67
N GLN A 16 21.41 -4.52 28.00
CA GLN A 16 21.39 -3.06 28.06
C GLN A 16 22.61 -2.42 27.40
N ASN A 17 23.30 -3.18 26.57
CA ASN A 17 24.51 -2.73 25.85
C ASN A 17 24.19 -2.11 24.50
N PHE A 18 24.82 -0.98 24.22
CA PHE A 18 24.90 -0.44 22.87
C PHE A 18 26.16 -0.94 22.20
N PHE A 19 26.03 -1.26 20.90
CA PHE A 19 27.16 -1.73 20.12
C PHE A 19 26.98 -1.38 18.65
N ILE A 20 28.07 -1.50 17.92
CA ILE A 20 28.07 -1.20 16.50
C ILE A 20 27.81 -2.46 15.65
N ASP A 21 28.49 -3.56 15.99
CA ASP A 21 28.43 -4.78 15.21
C ASP A 21 27.68 -5.86 16.00
N SER A 22 28.21 -6.19 17.17
CA SER A 22 27.68 -7.26 17.99
C SER A 22 27.60 -6.83 19.45
N CYS A 23 26.55 -7.26 20.14
CA CYS A 23 26.62 -7.33 21.59
C CYS A 23 27.79 -8.27 21.90
N PRO A 24 28.67 -7.89 22.84
CA PRO A 24 29.77 -8.79 23.23
C PRO A 24 29.30 -10.10 23.91
N ASN A 25 28.11 -10.08 24.50
CA ASN A 25 27.50 -11.27 25.10
C ASN A 25 26.63 -12.10 24.17
N HIS A 26 25.78 -11.47 23.37
CA HIS A 26 24.78 -12.19 22.59
C HIS A 26 25.02 -12.25 21.09
N GLY A 27 26.10 -11.64 20.60
CA GLY A 27 26.39 -11.66 19.17
C GLY A 27 25.57 -10.63 18.38
N PRO A 28 25.67 -10.69 17.04
CA PRO A 28 24.97 -9.77 16.18
C PRO A 28 23.47 -10.09 16.14
N PRO A 29 22.63 -9.05 16.11
CA PRO A 29 21.19 -9.22 16.04
C PRO A 29 20.70 -9.76 14.72
N LEU A 30 19.61 -10.52 14.76
CA LEU A 30 19.02 -11.06 13.54
C LEU A 30 18.03 -10.04 13.00
N PHE A 31 18.30 -9.57 11.78
CA PHE A 31 17.40 -8.71 11.01
C PHE A 31 16.64 -9.63 10.07
N VAL A 32 15.33 -9.57 10.11
CA VAL A 32 14.48 -10.37 9.26
C VAL A 32 14.25 -9.59 7.99
N LYS A 33 14.39 -10.21 6.82
CA LYS A 33 14.16 -9.52 5.54
C LYS A 33 12.67 -9.48 5.19
N ASP A 34 12.22 -8.38 4.62
CA ASP A 34 10.94 -8.33 3.95
C ASP A 34 10.95 -9.36 2.82
N SER A 35 9.78 -9.80 2.38
CA SER A 35 9.72 -10.63 1.18
C SER A 35 9.95 -9.75 -0.02
N MET A 36 10.46 -10.32 -1.11
CA MET A 36 10.67 -9.60 -2.38
C MET A 36 9.37 -9.21 -3.04
N VAL A 37 9.27 -7.96 -3.48
CA VAL A 37 8.12 -7.48 -4.24
C VAL A 37 8.61 -6.36 -5.12
N ASP A 38 8.19 -6.34 -6.37
CA ASP A 38 8.53 -5.27 -7.29
C ASP A 38 8.16 -3.92 -6.70
N ARG A 39 9.09 -2.98 -6.80
CA ARG A 39 8.86 -1.60 -6.42
C ARG A 39 7.58 -1.07 -7.06
N GLY A 40 6.78 -0.37 -6.27
CA GLY A 40 5.57 0.26 -6.78
C GLY A 40 4.40 -0.69 -6.94
N HIS A 41 4.58 -1.97 -6.64
CA HIS A 41 3.46 -2.87 -6.78
C HIS A 41 2.27 -2.33 -5.95
N PRO A 42 1.05 -2.40 -6.50
CA PRO A 42 -0.10 -1.85 -5.76
C PRO A 42 -0.37 -2.49 -4.39
N ASN A 43 -0.06 -3.77 -4.22
CA ASN A 43 -0.20 -4.44 -2.93
C ASN A 43 1.15 -4.69 -2.27
N HIS A 44 2.08 -3.78 -2.50
CA HIS A 44 3.44 -3.88 -2.02
C HIS A 44 3.55 -4.07 -0.50
N SER A 45 2.78 -3.29 0.24
CA SER A 45 2.87 -3.32 1.68
C SER A 45 2.46 -4.70 2.22
N VAL A 46 1.39 -5.28 1.71
CA VAL A 46 0.96 -6.61 2.11
C VAL A 46 1.99 -7.68 1.67
N LEU A 47 2.42 -7.61 0.42
CA LEU A 47 3.28 -8.64 -0.16
C LEU A 47 4.70 -8.64 0.37
N SER A 48 5.12 -7.52 0.96
CA SER A 48 6.43 -7.41 1.57
C SER A 48 6.54 -8.15 2.92
N LEU A 49 5.44 -8.71 3.39
CA LEU A 49 5.39 -9.33 4.70
C LEU A 49 6.34 -10.54 4.76
N PRO A 50 7.16 -10.61 5.82
CA PRO A 50 8.04 -11.76 5.96
C PRO A 50 7.27 -13.05 6.10
N PRO A 51 7.84 -14.17 5.62
CA PRO A 51 7.19 -15.46 5.91
C PRO A 51 7.00 -15.66 7.40
N GLY A 52 5.95 -16.39 7.76
CA GLY A 52 5.69 -16.73 9.15
C GLY A 52 4.73 -15.80 9.85
N LEU A 53 4.41 -14.67 9.21
CA LEU A 53 3.48 -13.67 9.77
C LEU A 53 2.27 -13.60 8.90
N ARG A 54 1.24 -12.89 9.36
CA ARG A 54 0.03 -12.77 8.58
C ARG A 54 -0.76 -11.48 8.90
N ILE A 55 -1.30 -10.88 7.86
CA ILE A 55 -2.10 -9.67 8.01
C ILE A 55 -3.57 -10.06 8.06
N SER A 56 -4.18 -9.78 9.18
CA SER A 56 -5.53 -10.19 9.45
C SER A 56 -6.12 -9.13 10.41
N PRO A 57 -7.47 -9.04 10.53
CA PRO A 57 -8.05 -8.03 11.43
C PRO A 57 -7.47 -8.02 12.82
N SER A 58 -7.20 -6.83 13.33
CA SER A 58 -6.59 -6.68 14.64
C SER A 58 -7.49 -7.21 15.74
N GLY A 59 -6.88 -7.65 16.83
CA GLY A 59 -7.61 -8.02 18.02
C GLY A 59 -8.06 -6.82 18.84
N ILE A 60 -7.51 -5.65 18.53
CA ILE A 60 -7.96 -4.40 19.16
C ILE A 60 -9.26 -4.03 18.49
N PRO A 61 -10.33 -3.74 19.28
CA PRO A 61 -11.62 -3.33 18.72
C PRO A 61 -11.53 -2.08 17.85
N GLU A 62 -12.13 -2.18 16.67
CA GLU A 62 -12.21 -1.07 15.72
C GLU A 62 -10.83 -0.53 15.32
N ALA A 63 -9.84 -1.41 15.21
CA ALA A 63 -8.50 -0.99 14.86
C ALA A 63 -8.08 -1.44 13.49
N GLY A 64 -9.02 -1.95 12.68
CA GLY A 64 -8.70 -2.33 11.30
C GLY A 64 -7.84 -3.60 11.23
N LEU A 65 -6.94 -3.67 10.26
CA LEU A 65 -6.04 -4.81 10.09
C LEU A 65 -4.86 -4.71 11.03
N GLY A 66 -4.21 -5.86 11.24
CA GLY A 66 -3.03 -5.96 12.09
C GLY A 66 -2.10 -7.05 11.61
N VAL A 67 -0.98 -7.23 12.32
CA VAL A 67 -0.01 -8.25 11.95
C VAL A 67 0.12 -9.25 13.08
N TRP A 68 -0.05 -10.52 12.72
CA TRP A 68 -0.06 -11.63 13.65
C TRP A 68 1.13 -12.50 13.37
N ASN A 69 1.68 -13.09 14.43
CA ASN A 69 2.71 -14.11 14.27
C ASN A 69 2.04 -15.46 14.13
N GLU A 70 2.54 -16.30 13.23
CA GLU A 70 1.91 -17.60 12.87
C GLU A 70 2.83 -18.80 13.04
N ALA A 71 4.02 -18.72 12.48
CA ALA A 71 4.86 -19.90 12.27
C ALA A 71 5.43 -20.44 13.58
N SER A 72 6.14 -19.59 14.31
CA SER A 72 6.80 -20.03 15.53
C SER A 72 7.20 -18.88 16.43
N ASP A 73 7.67 -19.21 17.62
CA ASP A 73 8.08 -18.24 18.61
C ASP A 73 9.10 -17.27 18.02
N LEU A 74 8.87 -15.98 18.20
CA LEU A 74 9.86 -14.98 17.81
C LEU A 74 10.63 -14.63 19.05
N PRO A 75 11.95 -14.77 19.00
CA PRO A 75 12.74 -14.46 20.19
C PRO A 75 12.88 -12.96 20.43
N VAL A 76 13.34 -12.61 21.63
CA VAL A 76 13.69 -11.25 21.96
C VAL A 76 14.83 -10.80 21.06
N GLY A 77 14.84 -9.52 20.71
CA GLY A 77 15.94 -8.92 19.97
C GLY A 77 15.93 -9.10 18.47
N LEU A 78 14.86 -9.70 17.95
CA LEU A 78 14.63 -9.81 16.52
C LEU A 78 14.32 -8.43 15.95
N HIS A 79 14.94 -8.11 14.82
CA HIS A 79 14.84 -6.78 14.22
C HIS A 79 14.07 -6.83 12.91
N PHE A 80 13.20 -5.85 12.72
CA PHE A 80 12.38 -5.75 11.53
C PHE A 80 12.55 -4.36 10.95
N GLY A 81 12.52 -4.27 9.62
CA GLY A 81 12.60 -3.01 8.93
C GLY A 81 13.61 -3.01 7.81
N PRO A 82 13.82 -1.85 7.19
CA PRO A 82 13.31 -0.55 7.63
C PRO A 82 11.83 -0.27 7.29
N TYR A 83 11.20 0.57 8.10
CA TYR A 83 9.85 1.03 7.81
C TYR A 83 9.96 1.80 6.52
N GLU A 84 9.17 1.41 5.51
CA GLU A 84 9.23 2.05 4.22
C GLU A 84 8.07 3.02 4.02
N GLY A 85 8.27 3.95 3.10
CA GLY A 85 7.26 4.94 2.79
C GLY A 85 7.82 6.12 2.04
N GLN A 86 7.01 7.17 1.88
CA GLN A 86 7.47 8.39 1.23
C GLN A 86 8.14 9.33 2.22
N ILE A 87 9.39 9.66 1.94
CA ILE A 87 10.11 10.62 2.75
C ILE A 87 9.71 12.03 2.34
N THR A 88 9.47 12.91 3.32
CA THR A 88 8.93 14.26 3.07
C THR A 88 8.99 15.09 4.35
N GLU A 89 9.07 16.41 4.21
CA GLU A 89 8.97 17.35 5.35
C GLU A 89 7.60 18.01 5.45
N ASP A 90 6.77 17.80 4.43
CA ASP A 90 5.40 18.30 4.43
C ASP A 90 4.62 17.85 5.67
N GLU A 91 4.03 18.82 6.37
CA GLU A 91 3.37 18.55 7.65
C GLU A 91 2.00 17.86 7.54
N GLU A 92 1.42 17.77 6.35
CA GLU A 92 0.23 16.95 6.18
C GLU A 92 0.56 15.46 6.24
N ALA A 93 1.85 15.13 6.04
CA ALA A 93 2.36 13.79 6.32
C ALA A 93 2.29 13.50 7.82
N ALA A 94 2.52 14.52 8.63
CA ALA A 94 2.38 14.40 10.09
C ALA A 94 1.01 13.86 10.49
N ASN A 95 0.02 14.00 9.63
CA ASN A 95 -1.33 13.60 9.96
C ASN A 95 -1.84 12.34 9.28
N SER A 96 -1.10 11.77 8.33
CA SER A 96 -1.58 10.55 7.68
C SER A 96 -1.99 9.51 8.73
N GLY A 97 -1.26 9.46 9.84
CA GLY A 97 -1.43 8.40 10.83
C GLY A 97 -0.53 7.21 10.54
N TYR A 98 0.21 7.29 9.44
CA TYR A 98 1.13 6.26 8.98
C TYR A 98 2.58 6.73 8.95
N SER A 99 2.87 7.82 9.66
CA SER A 99 4.20 8.43 9.61
C SER A 99 4.97 8.31 10.89
N TRP A 100 6.27 8.06 10.74
CA TRP A 100 7.23 8.18 11.82
C TRP A 100 8.11 9.41 11.60
N LEU A 101 8.33 10.15 12.67
CA LEU A 101 9.31 11.21 12.69
C LEU A 101 10.71 10.60 12.63
N ILE A 102 11.56 11.13 11.76
CA ILE A 102 12.96 10.73 11.70
C ILE A 102 13.79 11.98 12.04
N THR A 103 14.55 11.88 13.11
CA THR A 103 15.37 12.98 13.54
C THR A 103 16.69 13.01 12.74
N LYS A 104 16.95 14.10 12.01
CA LYS A 104 18.22 14.30 11.32
C LYS A 104 19.21 15.06 12.21
N GLY A 105 18.88 15.17 13.51
CA GLY A 105 19.72 15.83 14.49
C GLY A 105 19.68 17.34 14.34
N ARG A 106 19.81 18.06 15.46
CA ARG A 106 20.01 19.52 15.44
C ARG A 106 18.71 20.24 15.04
N ASN A 107 17.64 19.95 15.76
CA ASN A 107 16.33 20.57 15.52
C ASN A 107 15.84 20.54 14.06
N CYS A 108 16.13 19.44 13.36
CA CYS A 108 15.63 19.24 12.01
C CYS A 108 15.23 17.78 11.83
N TYR A 109 14.18 17.56 11.03
CA TYR A 109 13.54 16.28 10.96
C TYR A 109 12.85 16.02 9.61
N GLU A 110 12.55 14.74 9.37
CA GLU A 110 11.81 14.27 8.21
C GLU A 110 10.65 13.41 8.70
N TYR A 111 9.74 13.09 7.79
CA TYR A 111 8.73 12.10 8.03
C TYR A 111 8.92 11.00 7.00
N VAL A 112 8.76 9.75 7.42
CA VAL A 112 8.62 8.65 6.48
C VAL A 112 7.15 8.23 6.59
N ASP A 113 6.42 8.41 5.51
CA ASP A 113 4.97 8.26 5.52
C ASP A 113 4.59 6.99 4.77
N GLY A 114 4.03 6.03 5.50
CA GLY A 114 3.70 4.74 4.94
C GLY A 114 2.25 4.64 4.49
N GLN A 115 1.61 5.78 4.29
CA GLN A 115 0.21 5.80 3.98
C GLN A 115 -0.12 5.11 2.66
N ASP A 116 0.71 5.32 1.66
CA ASP A 116 0.50 4.72 0.36
C ASP A 116 1.02 3.30 0.31
N GLU A 117 0.11 2.33 0.19
CA GLU A 117 0.42 0.88 0.23
C GLU A 117 1.41 0.44 -0.82
N SER A 118 1.47 1.19 -1.91
CA SER A 118 2.36 0.84 -3.03
C SER A 118 3.77 1.31 -2.76
N GLN A 119 3.93 2.16 -1.74
CA GLN A 119 5.21 2.69 -1.34
C GLN A 119 5.65 2.20 0.04
N ALA A 120 4.70 1.77 0.85
CA ALA A 120 4.99 1.36 2.22
C ALA A 120 5.36 -0.13 2.25
N ASN A 121 5.73 -0.61 3.42
CA ASN A 121 5.86 -2.06 3.62
C ASN A 121 4.87 -2.50 4.70
N TRP A 122 4.89 -3.78 5.00
CA TRP A 122 3.96 -4.40 5.95
C TRP A 122 3.95 -3.78 7.35
N MET A 123 4.99 -3.04 7.71
CA MET A 123 5.06 -2.45 9.04
C MET A 123 4.00 -1.37 9.23
N ARG A 124 3.45 -0.85 8.16
CA ARG A 124 2.34 0.10 8.25
C ARG A 124 1.11 -0.52 8.92
N TYR A 125 1.00 -1.86 8.86
CA TYR A 125 -0.16 -2.53 9.43
C TYR A 125 0.01 -2.88 10.90
N VAL A 126 1.20 -2.66 11.46
CA VAL A 126 1.41 -2.96 12.87
C VAL A 126 0.70 -1.91 13.74
N ASN A 127 -0.15 -2.41 14.62
CA ASN A 127 -0.93 -1.58 15.48
C ASN A 127 -0.19 -1.16 16.74
N CYS A 128 -0.80 -0.24 17.45
CA CYS A 128 -0.21 0.36 18.63
C CYS A 128 -0.57 -0.35 19.90
N ALA A 129 0.42 -0.68 20.73
CA ALA A 129 0.12 -1.26 22.02
C ALA A 129 -0.57 -0.23 22.91
N ARG A 130 -1.52 -0.70 23.73
CA ARG A 130 -2.24 0.19 24.65
C ARG A 130 -1.71 0.04 26.08
N ASP A 131 -1.03 -1.07 26.34
CA ASP A 131 -0.41 -1.33 27.63
C ASP A 131 0.89 -2.04 27.40
N ASP A 132 1.83 -1.85 28.31
CA ASP A 132 3.14 -2.47 28.19
C ASP A 132 3.05 -4.01 28.24
N GLU A 133 1.93 -4.55 28.69
CA GLU A 133 1.79 -6.01 28.73
C GLU A 133 1.51 -6.62 27.35
N GLU A 134 0.93 -5.87 26.42
CA GLU A 134 0.64 -6.40 25.08
C GLU A 134 1.67 -5.87 24.06
N GLN A 135 2.54 -4.95 24.47
CA GLN A 135 3.60 -4.45 23.61
C GLN A 135 4.70 -5.48 23.49
N ASN A 136 4.97 -5.91 22.27
CA ASN A 136 6.07 -6.84 22.01
C ASN A 136 7.06 -6.31 20.96
N LEU A 137 6.85 -5.08 20.49
CA LEU A 137 7.79 -4.41 19.60
C LEU A 137 8.13 -3.02 20.13
N VAL A 138 9.39 -2.61 19.95
CA VAL A 138 9.86 -1.26 20.22
C VAL A 138 10.37 -0.67 18.92
N ALA A 139 9.86 0.49 18.57
CA ALA A 139 10.29 1.20 17.37
C ALA A 139 11.49 2.04 17.76
N PHE A 140 12.44 2.18 16.84
CA PHE A 140 13.60 3.02 17.12
C PHE A 140 14.26 3.45 15.83
N GLN A 141 15.07 4.49 15.92
CA GLN A 141 15.73 5.02 14.75
C GLN A 141 17.13 4.41 14.63
N TYR A 142 17.51 4.05 13.42
CA TYR A 142 18.82 3.43 13.17
C TYR A 142 19.19 3.71 11.74
N HIS A 143 20.40 4.24 11.53
CA HIS A 143 20.87 4.64 10.19
C HIS A 143 19.84 5.53 9.47
N ARG A 144 19.29 6.49 10.21
CA ARG A 144 18.32 7.45 9.68
C ARG A 144 17.02 6.81 9.19
N LYS A 145 16.70 5.65 9.76
CA LYS A 145 15.49 4.94 9.39
C LYS A 145 14.89 4.32 10.63
N ILE A 146 13.71 3.78 10.46
CA ILE A 146 13.00 3.20 11.57
C ILE A 146 12.90 1.70 11.49
N PHE A 147 13.16 1.09 12.62
CA PHE A 147 13.11 -0.35 12.75
C PHE A 147 12.31 -0.70 13.98
N TYR A 148 11.76 -1.91 13.97
CA TYR A 148 11.05 -2.42 15.13
C TYR A 148 11.84 -3.63 15.62
N ARG A 149 12.06 -3.75 16.92
CA ARG A 149 12.66 -4.95 17.45
C ARG A 149 11.78 -5.60 18.52
N THR A 150 11.83 -6.92 18.61
CA THR A 150 11.03 -7.62 19.60
C THR A 150 11.60 -7.41 20.99
N CYS A 151 10.73 -7.05 21.92
CA CYS A 151 11.11 -6.82 23.31
C CYS A 151 10.44 -7.84 24.23
N ARG A 152 9.82 -8.85 23.65
CA ARG A 152 9.51 -10.08 24.36
C ARG A 152 9.30 -11.21 23.39
N VAL A 153 9.18 -12.42 23.91
CA VAL A 153 8.93 -13.57 23.06
C VAL A 153 7.54 -13.43 22.52
N ILE A 154 7.39 -13.66 21.23
CA ILE A 154 6.09 -13.60 20.62
C ILE A 154 5.73 -15.00 20.14
N ARG A 155 4.67 -15.55 20.74
CA ARG A 155 4.19 -16.89 20.40
C ARG A 155 3.26 -16.83 19.21
N PRO A 156 3.08 -17.97 18.52
CA PRO A 156 2.08 -18.06 17.48
C PRO A 156 0.72 -17.63 17.98
N GLY A 157 -0.01 -16.93 17.14
CA GLY A 157 -1.35 -16.48 17.50
C GLY A 157 -1.41 -15.16 18.21
N CYS A 158 -0.25 -14.51 18.39
CA CYS A 158 -0.21 -13.19 19.02
C CYS A 158 0.00 -12.08 18.00
N GLU A 159 -0.67 -10.97 18.24
CA GLU A 159 -0.56 -9.81 17.38
C GLU A 159 0.73 -9.09 17.71
N LEU A 160 1.40 -8.57 16.70
CA LEU A 160 2.54 -7.71 16.93
C LEU A 160 2.03 -6.32 17.27
N LEU A 161 2.59 -5.72 18.31
CA LEU A 161 2.12 -4.42 18.78
C LEU A 161 3.28 -3.57 19.24
N VAL A 162 3.34 -2.34 18.72
CA VAL A 162 4.49 -1.46 18.89
C VAL A 162 4.01 -0.17 19.59
N TRP A 163 4.88 0.57 20.27
CA TRP A 163 4.40 1.85 20.89
C TRP A 163 4.63 3.05 19.96
N TYR A 164 3.54 3.77 19.65
CA TYR A 164 3.58 4.84 18.65
C TYR A 164 4.25 6.17 19.15
N GLY A 165 4.49 6.28 20.46
CA GLY A 165 4.95 7.53 21.07
C GLY A 165 3.79 8.13 21.84
N ASP A 166 4.09 9.00 22.80
CA ASP A 166 3.06 9.51 23.71
C ASP A 166 1.98 10.38 23.04
N GLU A 167 2.35 11.13 22.01
CA GLU A 167 1.42 12.07 21.38
C GLU A 167 0.29 11.34 20.63
N TYR A 168 0.67 10.35 19.83
CA TYR A 168 -0.28 9.56 19.03
C TYR A 168 -1.14 8.67 19.98
N GLY A 169 -0.51 8.18 21.05
CA GLY A 169 -1.21 7.39 22.07
C GLY A 169 -2.35 8.13 22.75
N GLN A 170 -2.12 9.41 23.08
CA GLN A 170 -3.17 10.28 23.61
C GLN A 170 -4.28 10.38 22.58
N GLU A 171 -3.91 10.66 21.33
CA GLU A 171 -4.86 10.71 20.21
C GLU A 171 -5.70 9.42 20.11
N LEU A 172 -5.08 8.26 20.33
CA LEU A 172 -5.81 6.97 20.32
C LEU A 172 -6.62 6.69 21.60
N GLY A 173 -6.54 7.57 22.60
CA GLY A 173 -7.30 7.43 23.84
C GLY A 173 -6.68 6.50 24.87
N ILE A 174 -5.36 6.27 24.79
CA ILE A 174 -4.74 5.22 25.59
C ILE A 174 -4.44 5.70 27.03
N MET B 3 -16.28 -6.91 4.55
CA MET B 3 -15.24 -7.12 3.50
C MET B 3 -15.59 -6.51 2.15
N SER B 4 -16.84 -6.72 1.71
CA SER B 4 -17.28 -6.23 0.38
C SER B 4 -17.07 -4.73 0.16
N GLN B 5 -17.11 -3.94 1.23
CA GLN B 5 -16.99 -2.49 1.15
C GLN B 5 -15.67 -1.98 1.75
N ASP B 6 -14.66 -2.86 1.81
CA ASP B 6 -13.38 -2.51 2.44
C ASP B 6 -12.26 -2.46 1.39
N ASP B 7 -11.71 -1.26 1.27
CA ASP B 7 -10.51 -0.90 0.50
C ASP B 7 -9.32 -1.83 0.49
N ASP B 8 -9.08 -2.49 1.61
CA ASP B 8 -7.88 -3.31 1.78
C ASP B 8 -7.98 -4.64 1.09
N TYR B 9 -9.18 -5.00 0.66
CA TYR B 9 -9.45 -6.34 0.16
C TYR B 9 -9.57 -6.40 -1.34
N LEU B 10 -9.02 -7.45 -1.95
CA LEU B 10 -9.22 -7.76 -3.35
C LEU B 10 -10.32 -8.80 -3.45
N TYR B 11 -10.80 -9.02 -4.66
CA TYR B 11 -11.95 -9.90 -4.92
C TYR B 11 -11.57 -10.85 -6.05
N CYS B 12 -11.86 -12.13 -5.89
CA CYS B 12 -11.64 -13.10 -6.96
C CYS B 12 -12.95 -13.37 -7.69
N GLU B 13 -13.00 -13.01 -8.97
CA GLU B 13 -14.18 -13.22 -9.82
C GLU B 13 -14.67 -14.67 -9.69
N LYS B 14 -13.76 -15.60 -9.99
CA LYS B 14 -14.06 -17.04 -10.08
C LYS B 14 -14.57 -17.68 -8.79
N CYS B 15 -13.99 -17.32 -7.65
CA CYS B 15 -14.37 -17.86 -6.35
C CYS B 15 -15.42 -17.09 -5.60
N GLN B 16 -15.58 -15.81 -5.95
CA GLN B 16 -16.37 -14.87 -5.15
C GLN B 16 -15.71 -14.58 -3.78
N ASN B 17 -14.42 -14.88 -3.66
CA ASN B 17 -13.67 -14.70 -2.41
C ASN B 17 -13.01 -13.34 -2.30
N PHE B 18 -13.15 -12.70 -1.14
CA PHE B 18 -12.31 -11.56 -0.79
C PHE B 18 -11.08 -12.04 -0.05
N PHE B 19 -9.94 -11.39 -0.33
CA PHE B 19 -8.69 -11.74 0.31
C PHE B 19 -7.77 -10.54 0.36
N ILE B 20 -6.74 -10.66 1.20
CA ILE B 20 -5.77 -9.60 1.35
C ILE B 20 -4.54 -9.80 0.44
N ASP B 21 -4.06 -11.03 0.34
CA ASP B 21 -2.85 -11.32 -0.39
C ASP B 21 -3.18 -12.18 -1.61
N SER B 22 -3.78 -13.34 -1.35
CA SER B 22 -4.09 -14.31 -2.39
C SER B 22 -5.46 -14.86 -2.21
N CYS B 23 -6.14 -15.14 -3.32
CA CYS B 23 -7.22 -16.09 -3.29
C CYS B 23 -6.60 -17.42 -2.85
N PRO B 24 -7.25 -18.11 -1.90
CA PRO B 24 -6.73 -19.44 -1.51
C PRO B 24 -6.73 -20.46 -2.65
N ASN B 25 -7.67 -20.32 -3.60
CA ASN B 25 -7.77 -21.21 -4.75
C ASN B 25 -6.92 -20.81 -5.95
N HIS B 26 -6.92 -19.54 -6.30
CA HIS B 26 -6.28 -19.09 -7.56
C HIS B 26 -4.98 -18.31 -7.41
N GLY B 27 -4.54 -18.06 -6.19
CA GLY B 27 -3.30 -17.33 -5.97
C GLY B 27 -3.43 -15.81 -6.07
N PRO B 28 -2.29 -15.11 -6.05
CA PRO B 28 -2.30 -13.65 -6.09
C PRO B 28 -2.59 -13.12 -7.49
N PRO B 29 -3.37 -12.04 -7.57
CA PRO B 29 -3.77 -11.49 -8.86
C PRO B 29 -2.62 -10.83 -9.59
N LEU B 30 -2.67 -10.90 -10.91
CA LEU B 30 -1.67 -10.25 -11.73
C LEU B 30 -2.09 -8.81 -11.96
N PHE B 31 -1.27 -7.89 -11.48
CA PHE B 31 -1.40 -6.46 -11.76
C PHE B 31 -0.46 -6.17 -12.91
N VAL B 32 -0.98 -5.57 -13.96
CA VAL B 32 -0.18 -5.24 -15.13
C VAL B 32 0.39 -3.84 -14.88
N LYS B 33 1.68 -3.63 -15.11
CA LYS B 33 2.24 -2.30 -14.94
C LYS B 33 2.01 -1.41 -16.14
N ASP B 34 1.77 -0.14 -15.89
CA ASP B 34 1.86 0.89 -16.93
C ASP B 34 3.26 0.95 -17.51
N SER B 35 3.41 1.39 -18.75
CA SER B 35 4.75 1.63 -19.28
C SER B 35 5.34 2.85 -18.60
N MET B 36 6.66 2.90 -18.56
CA MET B 36 7.40 4.02 -17.97
C MET B 36 7.29 5.27 -18.81
N VAL B 37 6.96 6.39 -18.18
CA VAL B 37 6.92 7.68 -18.87
C VAL B 37 7.21 8.76 -17.87
N ASP B 38 8.05 9.70 -18.23
CA ASP B 38 8.39 10.81 -17.35
C ASP B 38 7.12 11.50 -16.89
N ARG B 39 7.05 11.76 -15.59
CA ARG B 39 5.97 12.51 -15.01
C ARG B 39 5.78 13.81 -15.79
N GLY B 40 4.53 14.18 -16.05
CA GLY B 40 4.22 15.45 -16.69
C GLY B 40 4.39 15.46 -18.20
N HIS B 41 4.83 14.34 -18.77
CA HIS B 41 5.02 14.31 -20.20
C HIS B 41 3.70 14.66 -20.88
N PRO B 42 3.75 15.50 -21.92
CA PRO B 42 2.47 15.93 -22.53
C PRO B 42 1.58 14.79 -23.10
N ASN B 43 2.19 13.72 -23.58
CA ASN B 43 1.47 12.57 -24.05
C ASN B 43 1.57 11.40 -23.07
N HIS B 44 1.63 11.73 -21.78
CA HIS B 44 1.75 10.76 -20.70
C HIS B 44 0.67 9.69 -20.73
N SER B 45 -0.57 10.10 -20.94
CA SER B 45 -1.66 9.14 -20.84
C SER B 45 -1.54 8.09 -21.96
N VAL B 46 -1.24 8.51 -23.19
CA VAL B 46 -1.01 7.57 -24.28
C VAL B 46 0.22 6.67 -24.05
N LEU B 47 1.33 7.27 -23.65
CA LEU B 47 2.59 6.54 -23.53
C LEU B 47 2.66 5.58 -22.36
N SER B 48 1.80 5.79 -21.36
CA SER B 48 1.69 4.93 -20.20
C SER B 48 1.05 3.57 -20.53
N LEU B 49 0.55 3.40 -21.75
CA LEU B 49 -0.19 2.19 -22.12
C LEU B 49 0.66 0.94 -21.98
N PRO B 50 0.13 -0.08 -21.30
CA PRO B 50 0.90 -1.32 -21.26
C PRO B 50 1.16 -1.91 -22.65
N PRO B 51 2.27 -2.67 -22.79
CA PRO B 51 2.47 -3.36 -24.06
C PRO B 51 1.34 -4.35 -24.33
N GLY B 52 1.08 -4.61 -25.60
CA GLY B 52 0.04 -5.53 -26.00
C GLY B 52 -1.31 -4.90 -26.21
N LEU B 53 -1.47 -3.63 -25.85
CA LEU B 53 -2.71 -2.90 -26.07
C LEU B 53 -2.47 -1.81 -27.10
N ARG B 54 -3.55 -1.16 -27.52
CA ARG B 54 -3.41 -0.07 -28.46
C ARG B 54 -4.57 0.90 -28.39
N ILE B 55 -4.24 2.19 -28.46
CA ILE B 55 -5.24 3.26 -28.44
C ILE B 55 -5.61 3.61 -29.89
N SER B 56 -6.88 3.44 -30.22
CA SER B 56 -7.38 3.61 -31.57
C SER B 56 -8.85 4.01 -31.45
N PRO B 57 -9.44 4.63 -32.49
CA PRO B 57 -10.86 4.98 -32.39
C PRO B 57 -11.72 3.86 -31.84
N SER B 58 -12.61 4.20 -30.91
CA SER B 58 -13.55 3.26 -30.32
C SER B 58 -14.54 2.71 -31.33
N GLY B 59 -14.95 1.46 -31.12
CA GLY B 59 -15.99 0.83 -31.93
C GLY B 59 -17.37 1.38 -31.64
N ILE B 60 -17.50 2.09 -30.53
CA ILE B 60 -18.77 2.73 -30.18
C ILE B 60 -18.92 4.00 -31.01
N PRO B 61 -20.08 4.14 -31.70
CA PRO B 61 -20.27 5.30 -32.58
C PRO B 61 -20.14 6.60 -31.84
N GLU B 62 -19.36 7.51 -32.43
CA GLU B 62 -19.17 8.85 -31.89
C GLU B 62 -18.64 8.83 -30.46
N ALA B 63 -17.77 7.89 -30.15
CA ALA B 63 -17.26 7.77 -28.79
C ALA B 63 -15.79 8.14 -28.69
N GLY B 64 -15.20 8.69 -29.76
CA GLY B 64 -13.78 9.12 -29.71
C GLY B 64 -12.76 7.95 -29.69
N LEU B 65 -11.64 8.13 -29.01
CA LEU B 65 -10.64 7.05 -28.91
C LEU B 65 -10.99 6.03 -27.85
N GLY B 66 -10.41 4.85 -27.99
CA GLY B 66 -10.67 3.74 -27.09
C GLY B 66 -9.42 2.89 -26.94
N VAL B 67 -9.51 1.83 -26.17
CA VAL B 67 -8.37 0.94 -25.94
C VAL B 67 -8.74 -0.45 -26.39
N TRP B 68 -7.88 -1.02 -27.23
CA TRP B 68 -8.09 -2.31 -27.85
C TRP B 68 -7.02 -3.25 -27.39
N ASN B 69 -7.38 -4.53 -27.30
CA ASN B 69 -6.41 -5.57 -27.01
C ASN B 69 -5.81 -6.10 -28.31
N GLU B 70 -4.49 -6.30 -28.33
CA GLU B 70 -3.77 -6.64 -29.56
C GLU B 70 -3.00 -7.94 -29.48
N ALA B 71 -2.20 -8.10 -28.43
CA ALA B 71 -1.17 -9.14 -28.41
C ALA B 71 -1.73 -10.52 -28.20
N SER B 72 -2.50 -10.71 -27.14
CA SER B 72 -3.04 -12.04 -26.83
C SER B 72 -4.18 -12.01 -25.83
N ASP B 73 -4.80 -13.18 -25.65
CA ASP B 73 -5.94 -13.29 -24.75
C ASP B 73 -5.60 -12.75 -23.40
N LEU B 74 -6.45 -11.89 -22.87
CA LEU B 74 -6.29 -11.44 -21.49
C LEU B 74 -7.21 -12.32 -20.63
N PRO B 75 -6.62 -12.96 -19.62
CA PRO B 75 -7.45 -13.81 -18.77
C PRO B 75 -8.35 -13.03 -17.82
N VAL B 76 -9.30 -13.72 -17.22
CA VAL B 76 -10.13 -13.15 -16.18
C VAL B 76 -9.27 -12.82 -14.97
N GLY B 77 -9.62 -11.74 -14.26
CA GLY B 77 -8.95 -11.39 -13.02
C GLY B 77 -7.65 -10.62 -13.18
N LEU B 78 -7.32 -10.23 -14.41
CA LEU B 78 -6.18 -9.33 -14.67
C LEU B 78 -6.50 -7.94 -14.14
N HIS B 79 -5.55 -7.33 -13.45
CA HIS B 79 -5.76 -6.04 -12.79
C HIS B 79 -4.97 -4.95 -13.49
N PHE B 80 -5.62 -3.80 -13.63
CA PHE B 80 -5.02 -2.65 -14.27
C PHE B 80 -5.17 -1.47 -13.34
N GLY B 81 -4.17 -0.60 -13.29
CA GLY B 81 -4.23 0.62 -12.52
C GLY B 81 -3.01 0.84 -11.68
N PRO B 82 -3.02 1.90 -10.87
CA PRO B 82 -4.17 2.74 -10.57
C PRO B 82 -4.54 3.78 -11.65
N TYR B 83 -5.82 4.13 -11.71
CA TYR B 83 -6.27 5.21 -12.55
C TYR B 83 -5.58 6.47 -12.05
N GLU B 84 -4.90 7.18 -12.92
CA GLU B 84 -4.14 8.36 -12.53
C GLU B 84 -4.89 9.63 -12.92
N GLY B 85 -4.57 10.72 -12.23
CA GLY B 85 -5.14 12.00 -12.54
C GLY B 85 -4.97 13.00 -11.43
N GLN B 86 -5.61 14.15 -11.56
CA GLN B 86 -5.54 15.13 -10.49
C GLN B 86 -6.56 14.82 -9.40
N ILE B 87 -6.06 14.65 -8.17
CA ILE B 87 -6.93 14.44 -7.03
C ILE B 87 -7.49 15.80 -6.61
N THR B 88 -8.80 15.83 -6.40
CA THR B 88 -9.48 17.07 -6.05
C THR B 88 -10.84 16.80 -5.40
N GLU B 89 -11.36 17.80 -4.68
CA GLU B 89 -12.72 17.77 -4.12
C GLU B 89 -13.70 18.72 -4.83
N ASP B 90 -13.16 19.68 -5.59
CA ASP B 90 -13.94 20.50 -6.52
C ASP B 90 -14.82 19.61 -7.39
N GLU B 91 -15.92 20.18 -7.90
CA GLU B 91 -16.87 19.39 -8.69
C GLU B 91 -17.18 19.99 -10.05
N GLU B 92 -16.28 20.83 -10.54
CA GLU B 92 -16.04 20.91 -11.97
C GLU B 92 -15.66 19.49 -12.35
N ALA B 93 -14.67 18.96 -11.62
CA ALA B 93 -14.13 17.63 -11.81
C ALA B 93 -15.21 16.57 -11.99
N ALA B 94 -16.21 16.58 -11.10
CA ALA B 94 -17.33 15.65 -11.20
C ALA B 94 -18.03 15.66 -12.58
N ASN B 95 -17.78 16.71 -13.39
CA ASN B 95 -18.37 16.84 -14.72
C ASN B 95 -17.40 16.72 -15.90
N SER B 96 -16.11 16.48 -15.64
CA SER B 96 -15.12 16.45 -16.73
C SER B 96 -15.38 15.31 -17.73
N GLY B 97 -16.02 14.26 -17.25
CA GLY B 97 -16.19 13.03 -18.03
C GLY B 97 -15.01 12.10 -17.82
N TYR B 98 -14.02 12.54 -17.04
CA TYR B 98 -12.83 11.74 -16.82
C TYR B 98 -12.58 11.41 -15.36
N SER B 99 -13.57 11.63 -14.49
CA SER B 99 -13.37 11.51 -13.06
C SER B 99 -14.05 10.29 -12.49
N TRP B 100 -13.38 9.66 -11.54
CA TRP B 100 -14.00 8.66 -10.69
C TRP B 100 -14.12 9.20 -9.28
N LEU B 101 -15.22 8.80 -8.63
CA LEU B 101 -15.42 9.06 -7.21
C LEU B 101 -14.57 8.10 -6.39
N ILE B 102 -13.85 8.65 -5.42
CA ILE B 102 -13.08 7.86 -4.47
C ILE B 102 -13.65 8.15 -3.09
N THR B 103 -14.21 7.14 -2.44
CA THR B 103 -14.82 7.35 -1.14
C THR B 103 -13.75 7.31 -0.04
N LYS B 104 -13.36 8.49 0.43
CA LYS B 104 -12.23 8.62 1.33
C LYS B 104 -12.57 7.93 2.64
N GLY B 105 -13.84 7.97 3.05
CA GLY B 105 -14.29 7.10 4.14
C GLY B 105 -15.33 7.73 5.01
N ARG B 106 -16.56 7.21 4.94
CA ARG B 106 -17.66 7.63 5.79
C ARG B 106 -17.89 9.13 5.70
N ASN B 107 -18.43 9.57 4.55
CA ASN B 107 -18.86 10.97 4.35
C ASN B 107 -17.85 11.94 3.76
N CYS B 108 -16.60 11.54 3.58
CA CYS B 108 -15.64 12.39 2.85
C CYS B 108 -15.19 11.71 1.55
N TYR B 109 -15.26 12.49 0.48
CA TYR B 109 -15.11 12.00 -0.87
C TYR B 109 -14.01 12.75 -1.57
N GLU B 110 -13.53 12.15 -2.65
CA GLU B 110 -12.56 12.76 -3.52
C GLU B 110 -12.93 12.44 -4.94
N TYR B 111 -12.24 13.09 -5.86
CA TYR B 111 -12.33 12.73 -7.26
C TYR B 111 -10.95 12.58 -7.79
N VAL B 112 -10.74 11.54 -8.60
CA VAL B 112 -9.53 11.44 -9.39
C VAL B 112 -9.94 11.84 -10.81
N ASP B 113 -9.38 12.95 -11.29
CA ASP B 113 -9.76 13.51 -12.59
C ASP B 113 -8.66 13.28 -13.61
N GLY B 114 -8.96 12.45 -14.61
CA GLY B 114 -8.00 12.09 -15.63
C GLY B 114 -8.15 12.90 -16.89
N GLN B 115 -8.75 14.08 -16.78
CA GLN B 115 -8.98 14.94 -17.92
C GLN B 115 -7.66 15.42 -18.57
N ASP B 116 -6.68 15.79 -17.77
CA ASP B 116 -5.43 16.30 -18.29
C ASP B 116 -4.51 15.15 -18.69
N GLU B 117 -4.28 14.99 -19.99
CA GLU B 117 -3.47 13.87 -20.53
C GLU B 117 -2.08 13.78 -19.95
N SER B 118 -1.55 14.90 -19.49
CA SER B 118 -0.20 14.95 -18.97
C SER B 118 -0.14 14.46 -17.53
N GLN B 119 -1.30 14.38 -16.89
CA GLN B 119 -1.45 13.90 -15.53
C GLN B 119 -2.15 12.55 -15.44
N ALA B 120 -2.91 12.19 -16.47
CA ALA B 120 -3.67 10.94 -16.44
C ALA B 120 -2.85 9.78 -16.99
N ASN B 121 -3.42 8.58 -16.94
CA ASN B 121 -2.79 7.47 -17.63
C ASN B 121 -3.73 6.94 -18.69
N TRP B 122 -3.31 5.87 -19.36
CA TRP B 122 -4.07 5.33 -20.47
C TRP B 122 -5.49 4.92 -20.16
N MET B 123 -5.80 4.73 -18.87
CA MET B 123 -7.12 4.28 -18.49
C MET B 123 -8.18 5.32 -18.79
N ARG B 124 -7.79 6.58 -18.91
CA ARG B 124 -8.74 7.63 -19.28
C ARG B 124 -9.38 7.32 -20.64
N TYR B 125 -8.72 6.55 -21.49
CA TYR B 125 -9.23 6.24 -22.82
C TYR B 125 -10.11 5.01 -22.87
N VAL B 126 -10.32 4.36 -21.74
CA VAL B 126 -11.19 3.21 -21.72
C VAL B 126 -12.65 3.65 -21.70
N ASN B 127 -13.39 3.19 -22.70
CA ASN B 127 -14.77 3.59 -22.83
C ASN B 127 -15.69 2.78 -21.94
N CYS B 128 -16.91 3.27 -21.86
CA CYS B 128 -17.96 2.72 -21.05
C CYS B 128 -18.71 1.65 -21.80
N ALA B 129 -18.92 0.50 -21.16
CA ALA B 129 -19.79 -0.52 -21.74
C ALA B 129 -21.22 0.03 -21.73
N ARG B 130 -22.01 -0.39 -22.71
CA ARG B 130 -23.44 -0.03 -22.79
C ARG B 130 -24.32 -1.18 -22.36
N ASP B 131 -23.80 -2.40 -22.43
CA ASP B 131 -24.50 -3.54 -21.88
C ASP B 131 -23.48 -4.45 -21.23
N ASP B 132 -23.97 -5.49 -20.56
CA ASP B 132 -23.11 -6.42 -19.85
C ASP B 132 -22.43 -7.43 -20.77
N GLU B 133 -22.88 -7.55 -22.03
CA GLU B 133 -22.25 -8.48 -22.97
C GLU B 133 -20.94 -7.95 -23.56
N GLU B 134 -20.81 -6.64 -23.67
CA GLU B 134 -19.57 -6.05 -24.20
C GLU B 134 -18.65 -5.58 -23.06
N GLN B 135 -19.16 -5.51 -21.83
CA GLN B 135 -18.35 -5.16 -20.66
C GLN B 135 -17.37 -6.27 -20.31
N ASN B 136 -16.07 -5.95 -20.36
CA ASN B 136 -15.02 -6.90 -19.96
C ASN B 136 -14.11 -6.37 -18.85
N LEU B 137 -14.42 -5.18 -18.32
CA LEU B 137 -13.69 -4.62 -17.18
C LEU B 137 -14.64 -4.14 -16.10
N VAL B 138 -14.26 -4.36 -14.84
CA VAL B 138 -14.98 -3.83 -13.71
C VAL B 138 -14.09 -2.84 -13.00
N ALA B 139 -14.59 -1.63 -12.78
CA ALA B 139 -13.89 -0.62 -12.03
C ALA B 139 -14.20 -0.78 -10.54
N PHE B 140 -13.18 -0.62 -9.69
CA PHE B 140 -13.39 -0.73 -8.26
C PHE B 140 -12.34 0.03 -7.50
N GLN B 141 -12.63 0.29 -6.22
CA GLN B 141 -11.75 1.05 -5.37
C GLN B 141 -10.90 0.10 -4.55
N TYR B 142 -9.62 0.41 -4.45
CA TYR B 142 -8.66 -0.44 -3.74
C TYR B 142 -7.52 0.46 -3.30
N HIS B 143 -7.19 0.37 -2.01
CA HIS B 143 -6.16 1.23 -1.41
C HIS B 143 -6.38 2.67 -1.81
N ARG B 144 -7.62 3.14 -1.65
CA ARG B 144 -7.99 4.54 -1.91
C ARG B 144 -7.71 4.98 -3.34
N LYS B 145 -7.76 4.05 -4.27
CA LYS B 145 -7.52 4.35 -5.67
C LYS B 145 -8.42 3.46 -6.50
N ILE B 146 -8.42 3.72 -7.79
CA ILE B 146 -9.27 2.97 -8.67
C ILE B 146 -8.51 2.10 -9.62
N PHE B 147 -8.99 0.86 -9.72
CA PHE B 147 -8.40 -0.12 -10.57
C PHE B 147 -9.49 -0.72 -11.43
N TYR B 148 -9.10 -1.25 -12.58
CA TYR B 148 -10.00 -2.01 -13.44
C TYR B 148 -9.51 -3.45 -13.45
N ARG B 149 -10.43 -4.42 -13.37
CA ARG B 149 -10.04 -5.82 -13.53
C ARG B 149 -10.88 -6.51 -14.60
N THR B 150 -10.28 -7.45 -15.31
CA THR B 150 -10.97 -8.18 -16.36
C THR B 150 -12.00 -9.11 -15.73
N CYS B 151 -13.23 -9.04 -16.24
CA CYS B 151 -14.30 -9.89 -15.80
C CYS B 151 -14.75 -10.86 -16.89
N ARG B 152 -14.02 -10.90 -18.00
CA ARG B 152 -14.10 -12.02 -18.94
C ARG B 152 -12.87 -12.06 -19.79
N VAL B 153 -12.71 -13.12 -20.56
CA VAL B 153 -11.56 -13.24 -21.41
C VAL B 153 -11.68 -12.18 -22.50
N ILE B 154 -10.58 -11.50 -22.78
CA ILE B 154 -10.57 -10.51 -23.82
C ILE B 154 -9.60 -10.98 -24.88
N ARG B 155 -10.15 -11.24 -26.07
CA ARG B 155 -9.36 -11.71 -27.21
C ARG B 155 -8.77 -10.55 -27.99
N PRO B 156 -7.73 -10.83 -28.77
CA PRO B 156 -7.19 -9.81 -29.67
C PRO B 156 -8.26 -9.21 -30.60
N GLY B 157 -8.22 -7.89 -30.79
CA GLY B 157 -9.20 -7.22 -31.63
C GLY B 157 -10.47 -6.79 -30.93
N CYS B 158 -10.52 -6.93 -29.60
CA CYS B 158 -11.66 -6.49 -28.80
C CYS B 158 -11.30 -5.26 -28.02
N GLU B 159 -12.28 -4.37 -27.89
CA GLU B 159 -12.11 -3.13 -27.18
C GLU B 159 -12.28 -3.43 -25.70
N LEU B 160 -11.53 -2.74 -24.85
CA LEU B 160 -11.74 -2.83 -23.42
C LEU B 160 -12.86 -1.89 -23.07
N LEU B 161 -13.80 -2.37 -22.26
CA LEU B 161 -14.98 -1.59 -21.92
C LEU B 161 -15.37 -1.82 -20.48
N VAL B 162 -15.55 -0.72 -19.76
CA VAL B 162 -15.67 -0.75 -18.32
C VAL B 162 -16.97 -0.16 -17.83
N TRP B 163 -17.30 -0.58 -16.61
CA TRP B 163 -18.37 -0.06 -15.80
C TRP B 163 -18.11 -0.53 -14.36
N TYR B 164 -18.72 0.11 -13.35
CA TYR B 164 -18.80 -0.52 -12.01
C TYR B 164 -19.72 -1.74 -12.07
N ALA C 1 -1.08 15.55 14.76
CA ALA C 1 -0.64 14.85 16.02
C ALA C 1 -0.59 13.31 15.93
N ARG C 2 -1.16 12.75 14.86
CA ARG C 2 -1.00 11.32 14.53
C ARG C 2 0.33 11.10 13.82
N THR C 3 1.41 11.51 14.50
CA THR C 3 2.78 11.28 14.04
C THR C 3 3.43 10.34 15.05
N GLN C 5 6.41 8.73 16.99
CA GLN C 5 7.68 9.34 17.45
C GLN C 5 8.47 8.36 18.29
N THR C 6 9.79 8.42 18.16
CA THR C 6 10.71 7.61 18.95
C THR C 6 11.20 8.35 20.21
N ALA C 7 11.51 7.59 21.27
CA ALA C 7 11.92 8.14 22.58
C ALA C 7 13.03 9.20 22.55
#